data_8CHM
#
_entry.id   8CHM
#
_cell.length_a   35.592
_cell.length_b   40.081
_cell.length_c   91.212
_cell.angle_alpha   90.000
_cell.angle_beta   90.000
_cell.angle_gamma   90.000
#
_symmetry.space_group_name_H-M   'P 21 21 21'
#
loop_
_entity.id
_entity.type
_entity.pdbx_description
1 polymer 'Peptidyl-prolyl cis-trans isomerase FKBP1A'
2 non-polymer (1~{S},5~{S},6~{R})-10-[3,5-bis(chloranyl)phenyl]sulfinyl-5-ethenyl-3-(pyridin-2-ylmethyl)-3,10-diazabicyclo[4.3.1]decan-2-one
3 non-polymer 'DIMETHYL SULFOXIDE'
4 non-polymer 'CADMIUM ION'
5 non-polymer 'CHLORIDE ION'
6 non-polymer 'SULFATE ION'
7 water water
#
_entity_poly.entity_id   1
_entity_poly.type   'polypeptide(L)'
_entity_poly.pdbx_seq_one_letter_code
;GVQVETISPGDGRTFPKRGQTVVVHYTGMLEDGKKFDSSRDRNKPFKFMLGKQEVIRGWEEGVAQMSVGQRAKLTISPDY
AYGATGHPGIIPPHATLVFDVELLKLE
;
_entity_poly.pdbx_strand_id   A
#
# COMPACT_ATOMS: atom_id res chain seq x y z
N GLY A 1 10.56 -6.11 5.80
CA GLY A 1 10.00 -4.77 5.98
C GLY A 1 9.25 -4.35 4.73
N VAL A 2 9.20 -3.06 4.49
CA VAL A 2 8.60 -2.50 3.27
C VAL A 2 9.62 -1.58 2.63
N GLN A 3 9.80 -1.77 1.33
CA GLN A 3 10.60 -0.89 0.51
C GLN A 3 9.68 -0.10 -0.39
N VAL A 4 9.88 1.22 -0.44
CA VAL A 4 9.08 2.11 -1.25
C VAL A 4 9.94 2.70 -2.36
N GLU A 5 9.55 2.47 -3.62
CA GLU A 5 10.27 2.96 -4.79
C GLU A 5 9.36 3.92 -5.55
N THR A 6 9.84 5.12 -5.82
N THR A 6 9.84 5.13 -5.82
CA THR A 6 8.99 6.09 -6.49
CA THR A 6 9.02 6.12 -6.49
C THR A 6 8.75 5.69 -7.95
C THR A 6 8.76 5.73 -7.95
N ILE A 7 7.54 5.99 -8.40
CA ILE A 7 7.13 5.85 -9.79
C ILE A 7 6.84 7.22 -10.39
N SER A 8 6.06 8.07 -9.71
N SER A 8 5.98 8.04 -9.76
CA SER A 8 5.71 9.39 -10.19
CA SER A 8 5.83 9.41 -10.19
C SER A 8 5.67 10.30 -8.97
C SER A 8 5.71 10.29 -8.96
N PRO A 9 6.13 11.56 -9.08
CA PRO A 9 6.35 12.36 -7.88
C PRO A 9 5.10 12.93 -7.24
N GLY A 10 5.16 12.99 -5.90
CA GLY A 10 4.20 13.78 -5.15
C GLY A 10 4.73 15.17 -4.88
N ASP A 11 4.16 15.86 -3.89
CA ASP A 11 4.60 17.22 -3.59
C ASP A 11 5.89 17.27 -2.76
N GLY A 12 6.36 16.14 -2.26
CA GLY A 12 7.58 16.09 -1.51
C GLY A 12 7.49 16.64 -0.10
N ARG A 13 6.30 17.05 0.34
CA ARG A 13 6.16 17.77 1.57
C ARG A 13 5.00 17.35 2.45
N THR A 14 3.91 16.83 1.87
CA THR A 14 2.70 16.52 2.63
C THR A 14 2.61 15.00 2.76
N PHE A 15 2.83 14.54 3.98
CA PHE A 15 2.90 13.10 4.27
C PHE A 15 1.75 12.72 5.18
N PRO A 16 1.23 11.48 5.08
CA PRO A 16 0.19 11.04 6.01
C PRO A 16 0.61 11.18 7.48
N LYS A 17 -0.34 11.58 8.29
CA LYS A 17 -0.15 11.74 9.74
C LYS A 17 -1.12 10.83 10.47
N ARG A 18 -0.71 10.38 11.65
CA ARG A 18 -1.54 9.52 12.46
C ARG A 18 -2.93 10.10 12.60
N GLY A 19 -3.94 9.26 12.39
CA GLY A 19 -5.33 9.64 12.54
C GLY A 19 -5.96 10.22 11.29
N GLN A 20 -5.20 10.59 10.27
CA GLN A 20 -5.80 11.04 9.03
C GLN A 20 -6.42 9.85 8.28
N THR A 21 -7.43 10.18 7.51
CA THR A 21 -7.98 9.28 6.52
C THR A 21 -7.19 9.41 5.23
N VAL A 22 -6.58 8.31 4.86
CA VAL A 22 -5.65 8.23 3.74
C VAL A 22 -6.41 7.67 2.54
N VAL A 23 -6.39 8.37 1.42
CA VAL A 23 -7.17 7.99 0.24
C VAL A 23 -6.21 7.65 -0.90
N VAL A 24 -6.33 6.41 -1.41
CA VAL A 24 -5.40 5.91 -2.38
C VAL A 24 -6.14 5.19 -3.50
N HIS A 25 -5.43 4.99 -4.62
CA HIS A 25 -5.72 3.89 -5.55
C HIS A 25 -4.59 2.91 -5.49
N TYR A 26 -4.89 1.62 -5.65
CA TYR A 26 -3.85 0.62 -5.60
C TYR A 26 -4.16 -0.55 -6.51
N THR A 27 -3.11 -1.28 -6.83
CA THR A 27 -3.17 -2.63 -7.37
C THR A 27 -2.25 -3.49 -6.53
N GLY A 28 -2.71 -4.65 -6.12
CA GLY A 28 -1.90 -5.61 -5.38
C GLY A 28 -1.56 -6.83 -6.19
N MET A 29 -0.29 -7.22 -6.12
CA MET A 29 0.27 -8.33 -6.87
C MET A 29 1.05 -9.25 -5.94
N LEU A 30 1.06 -10.55 -6.23
CA LEU A 30 2.03 -11.44 -5.66
C LEU A 30 3.41 -11.09 -6.19
N GLU A 31 4.45 -11.64 -5.62
CA GLU A 31 5.80 -11.27 -5.95
C GLU A 31 6.10 -11.41 -7.44
N ASP A 32 5.51 -12.40 -8.07
CA ASP A 32 5.69 -12.65 -9.50
C ASP A 32 4.82 -11.76 -10.41
N GLY A 33 4.08 -10.82 -9.83
CA GLY A 33 3.29 -9.90 -10.63
C GLY A 33 1.85 -10.32 -10.83
N LYS A 34 1.40 -11.47 -10.32
CA LYS A 34 0.02 -11.93 -10.46
C LYS A 34 -0.87 -10.99 -9.66
N LYS A 35 -1.71 -10.23 -10.34
CA LYS A 35 -2.63 -9.31 -9.69
C LYS A 35 -3.70 -10.06 -8.93
N PHE A 36 -3.96 -9.65 -7.70
CA PHE A 36 -5.04 -10.23 -6.92
C PHE A 36 -6.12 -9.23 -6.53
N ASP A 37 -5.86 -7.92 -6.57
CA ASP A 37 -6.90 -6.99 -6.19
C ASP A 37 -6.53 -5.62 -6.77
N SER A 38 -7.53 -4.77 -6.97
CA SER A 38 -7.30 -3.43 -7.49
C SER A 38 -8.48 -2.53 -7.18
N SER A 39 -8.21 -1.39 -6.56
CA SER A 39 -9.26 -0.40 -6.40
C SER A 39 -9.58 0.28 -7.72
N ARG A 40 -8.61 0.33 -8.61
CA ARG A 40 -8.75 0.93 -9.91
C ARG A 40 -9.81 0.21 -10.72
N ASP A 41 -9.81 -1.11 -10.69
CA ASP A 41 -10.77 -1.90 -11.44
C ASP A 41 -12.18 -1.69 -10.92
N ARG A 42 -12.32 -1.43 -9.61
CA ARG A 42 -13.58 -1.13 -8.95
C ARG A 42 -14.02 0.32 -9.15
N ASN A 43 -13.10 1.17 -9.63
CA ASN A 43 -13.29 2.60 -9.72
C ASN A 43 -13.77 3.15 -8.38
N LYS A 44 -13.15 2.71 -7.27
CA LYS A 44 -13.53 3.14 -5.94
C LYS A 44 -12.30 3.45 -5.14
N PRO A 45 -11.95 4.74 -4.91
CA PRO A 45 -10.81 5.04 -4.05
C PRO A 45 -10.92 4.28 -2.73
N PHE A 46 -9.77 3.85 -2.25
CA PHE A 46 -9.65 3.09 -1.03
C PHE A 46 -9.21 4.01 0.11
N LYS A 47 -9.87 3.91 1.25
CA LYS A 47 -9.58 4.74 2.39
C LYS A 47 -9.25 3.90 3.62
N PHE A 48 -8.24 4.35 4.37
CA PHE A 48 -7.93 3.76 5.66
C PHE A 48 -7.40 4.85 6.57
N MET A 49 -7.44 4.61 7.88
CA MET A 49 -7.01 5.59 8.85
C MET A 49 -5.62 5.25 9.35
N LEU A 50 -4.68 6.19 9.19
CA LEU A 50 -3.29 5.92 9.53
C LEU A 50 -3.18 5.66 11.02
N GLY A 51 -2.51 4.58 11.36
CA GLY A 51 -2.30 4.25 12.74
C GLY A 51 -3.33 3.33 13.38
N LYS A 52 -4.44 3.07 12.68
CA LYS A 52 -5.48 2.20 13.21
C LYS A 52 -5.15 0.72 13.08
N GLN A 53 -4.14 0.38 12.28
CA GLN A 53 -3.75 -0.99 12.06
C GLN A 53 -4.91 -1.79 11.46
N GLU A 54 -5.69 -1.14 10.60
CA GLU A 54 -6.74 -1.83 9.88
C GLU A 54 -6.26 -2.36 8.53
N VAL A 55 -5.04 -2.00 8.15
CA VAL A 55 -4.34 -2.54 7.01
C VAL A 55 -3.00 -3.09 7.50
N ILE A 56 -2.34 -3.87 6.65
CA ILE A 56 -1.10 -4.53 6.98
C ILE A 56 -0.01 -3.51 7.31
N ARG A 57 0.99 -3.99 8.06
CA ARG A 57 2.06 -3.13 8.54
C ARG A 57 2.82 -2.47 7.40
N GLY A 58 3.02 -3.21 6.31
CA GLY A 58 3.74 -2.62 5.19
C GLY A 58 3.00 -1.47 4.54
N TRP A 59 1.65 -1.46 4.62
CA TRP A 59 0.89 -0.30 4.22
C TRP A 59 1.00 0.85 5.19
N GLU A 60 0.83 0.57 6.51
CA GLU A 60 0.97 1.63 7.50
C GLU A 60 2.30 2.37 7.30
N GLU A 61 3.37 1.63 7.18
N GLU A 61 3.39 1.61 7.22
CA GLU A 61 4.66 2.29 7.10
CA GLU A 61 4.73 2.20 7.13
C GLU A 61 4.97 2.74 5.68
C GLU A 61 5.02 2.69 5.70
N GLY A 62 4.58 1.96 4.69
CA GLY A 62 4.91 2.29 3.32
C GLY A 62 4.14 3.49 2.78
N VAL A 63 2.82 3.53 2.97
CA VAL A 63 2.07 4.65 2.46
C VAL A 63 2.42 5.93 3.24
N ALA A 64 2.77 5.80 4.52
CA ALA A 64 3.13 6.96 5.31
C ALA A 64 4.39 7.64 4.84
N GLN A 65 5.24 6.95 4.07
CA GLN A 65 6.42 7.55 3.51
C GLN A 65 6.26 8.13 2.12
N MET A 66 5.02 8.17 1.64
CA MET A 66 4.70 8.77 0.35
C MET A 66 4.17 10.19 0.61
N SER A 67 4.40 11.08 -0.34
CA SER A 67 3.80 12.41 -0.28
C SER A 67 2.57 12.47 -1.16
N VAL A 68 1.70 13.44 -0.89
CA VAL A 68 0.44 13.52 -1.62
C VAL A 68 0.73 13.70 -3.10
N GLY A 69 0.03 12.92 -3.92
CA GLY A 69 0.16 12.88 -5.35
C GLY A 69 1.15 11.84 -5.84
N GLN A 70 1.95 11.27 -4.97
CA GLN A 70 2.96 10.32 -5.40
C GLN A 70 2.33 8.98 -5.79
N ARG A 71 2.96 8.36 -6.80
CA ARG A 71 2.72 6.96 -7.13
C ARG A 71 4.01 6.20 -6.80
N ALA A 72 3.91 5.06 -6.13
CA ALA A 72 5.07 4.32 -5.70
C ALA A 72 4.78 2.82 -5.68
N LYS A 73 5.85 2.07 -5.75
CA LYS A 73 5.81 0.62 -5.60
C LYS A 73 6.21 0.28 -4.17
N LEU A 74 5.37 -0.49 -3.48
CA LEU A 74 5.67 -0.99 -2.14
C LEU A 74 5.95 -2.49 -2.26
N THR A 75 7.13 -2.92 -1.84
CA THR A 75 7.48 -4.35 -1.79
C THR A 75 7.52 -4.75 -0.34
N ILE A 76 6.65 -5.70 0.05
CA ILE A 76 6.36 -5.96 1.46
C ILE A 76 6.67 -7.43 1.76
N SER A 77 7.55 -7.63 2.74
CA SER A 77 7.90 -8.98 3.18
C SER A 77 6.73 -9.64 3.90
N PRO A 78 6.71 -10.97 4.01
CA PRO A 78 5.55 -11.62 4.65
C PRO A 78 5.30 -11.13 6.05
N ASP A 79 6.36 -10.87 6.83
CA ASP A 79 6.15 -10.45 8.20
C ASP A 79 5.54 -9.06 8.32
N TYR A 80 5.55 -8.26 7.25
CA TYR A 80 4.87 -6.97 7.20
C TYR A 80 3.56 -7.06 6.42
N ALA A 81 3.12 -8.29 6.12
CA ALA A 81 1.91 -8.55 5.36
C ALA A 81 1.09 -9.58 6.11
N TYR A 82 0.92 -10.79 5.54
CA TYR A 82 0.04 -11.82 6.11
C TYR A 82 0.80 -13.03 6.63
N GLY A 83 2.12 -12.94 6.71
CA GLY A 83 2.87 -13.90 7.49
C GLY A 83 2.86 -15.31 6.95
N ALA A 84 3.04 -16.26 7.86
CA ALA A 84 3.12 -17.66 7.47
C ALA A 84 1.78 -18.13 6.96
N THR A 85 0.69 -17.72 7.60
CA THR A 85 -0.63 -18.25 7.32
C THR A 85 -1.17 -17.70 6.02
N GLY A 86 -0.83 -16.45 5.66
CA GLY A 86 -1.46 -15.81 4.54
C GLY A 86 -2.95 -15.56 4.82
N HIS A 87 -3.71 -15.49 3.73
CA HIS A 87 -5.15 -15.31 3.81
C HIS A 87 -5.72 -16.29 2.79
N PRO A 88 -6.06 -17.52 3.23
CA PRO A 88 -6.39 -18.60 2.31
C PRO A 88 -7.41 -18.22 1.25
N GLY A 89 -7.06 -18.61 0.02
CA GLY A 89 -7.86 -18.34 -1.15
C GLY A 89 -7.43 -17.11 -1.93
N ILE A 90 -6.55 -16.27 -1.36
CA ILE A 90 -6.06 -15.12 -2.12
C ILE A 90 -4.59 -14.80 -1.81
N ILE A 91 -4.13 -14.88 -0.54
CA ILE A 91 -2.75 -14.59 -0.21
C ILE A 91 -2.12 -15.91 0.26
N PRO A 92 -1.20 -16.51 -0.51
CA PRO A 92 -0.63 -17.81 -0.11
C PRO A 92 0.31 -17.67 1.08
N PRO A 93 0.82 -18.81 1.58
CA PRO A 93 1.72 -18.79 2.74
C PRO A 93 3.01 -18.00 2.41
N HIS A 94 3.49 -17.27 3.44
CA HIS A 94 4.78 -16.63 3.35
C HIS A 94 4.94 -15.83 2.07
N ALA A 95 3.95 -14.99 1.75
CA ALA A 95 3.94 -14.28 0.47
C ALA A 95 4.53 -12.88 0.58
N THR A 96 5.50 -12.60 -0.28
CA THR A 96 5.96 -11.23 -0.50
C THR A 96 4.93 -10.56 -1.44
N LEU A 97 4.51 -9.35 -1.08
CA LEU A 97 3.51 -8.64 -1.86
C LEU A 97 4.08 -7.38 -2.50
N VAL A 98 3.60 -7.05 -3.69
CA VAL A 98 3.98 -5.86 -4.41
C VAL A 98 2.72 -5.05 -4.67
N PHE A 99 2.72 -3.79 -4.21
CA PHE A 99 1.61 -2.90 -4.48
C PHE A 99 2.06 -1.71 -5.28
N ASP A 100 1.23 -1.30 -6.23
CA ASP A 100 1.38 -0.06 -6.98
C ASP A 100 0.34 0.88 -6.42
N VAL A 101 0.78 1.91 -5.68
CA VAL A 101 -0.11 2.77 -4.89
C VAL A 101 0.04 4.20 -5.37
N GLU A 102 -1.09 4.91 -5.48
CA GLU A 102 -1.11 6.36 -5.69
C GLU A 102 -1.80 7.00 -4.51
N LEU A 103 -1.09 7.92 -3.83
CA LEU A 103 -1.65 8.65 -2.68
C LEU A 103 -2.40 9.86 -3.23
N LEU A 104 -3.73 9.78 -3.17
CA LEU A 104 -4.61 10.77 -3.79
C LEU A 104 -4.81 11.97 -2.90
N LYS A 105 -5.16 11.75 -1.62
CA LYS A 105 -5.61 12.82 -0.75
C LYS A 105 -5.51 12.36 0.69
N LEU A 106 -5.47 13.35 1.59
CA LEU A 106 -5.56 13.15 3.03
C LEU A 106 -6.80 13.89 3.51
N GLU A 107 -7.63 13.25 4.31
CA GLU A 107 -8.80 13.90 4.88
C GLU A 107 -9.01 13.55 6.34
#